data_6L7J
#
_entry.id   6L7J
#
_cell.length_a   150.860
_cell.length_b   150.860
_cell.length_c   105.610
_cell.angle_alpha   90.00
_cell.angle_beta   90.00
_cell.angle_gamma   120.00
#
_symmetry.space_group_name_H-M   'H 3 2'
#
loop_
_entity.id
_entity.type
_entity.pdbx_description
1 polymer 'Type III polyketide synthase'
2 non-polymer 'COENZYME A'
3 water water
#
_entity_poly.entity_id   1
_entity_poly.type   'polypeptide(L)'
_entity_poly.pdbx_seq_one_letter_code
;MVTMEEIRKAQRAEGLATILAISTATPPNCVIQADYPDYYFKITNSEHMTELKEKFRRLCEKSMIRKRHM(CSO)LTEEI
LKANPNMCLHMGTSLNARQDISLVEVPKLGKEAATKAIKEWGQPKSKITHLIFCTSAGVDMPGADYQLTRLLGLSPEVKR
MMIYQQG(CSD)YAGATVLRLAKDLTENNKGSRVLIVCSENTVPTFRGPSDTHIDSLVGQALFADGAAALIVGADPDASI
ERPLYHIVSASQTLLPDSDGAIEGHIREAGLTVHLKKDVPAFFSANIEKSLVDAFTPIGISDWNSIFWIAHPGGPAILDQ
VEEKLGLRKDKLKASRHVMSEFGNMSSACVLFILDEMRKTCLEEGKATTGEGLDWGVLFGFGPGLTVETVVLRSVPIEA
;
_entity_poly.pdbx_strand_id   A
#
# COMPACT_ATOMS: atom_id res chain seq x y z
N GLY A 15 3.41 26.75 2.45
CA GLY A 15 4.60 26.07 2.94
C GLY A 15 4.34 24.65 3.41
N LEU A 16 3.29 24.01 2.92
CA LEU A 16 3.00 22.63 3.28
C LEU A 16 3.76 21.66 2.38
N ALA A 17 4.15 20.52 2.95
CA ALA A 17 4.66 19.44 2.13
C ALA A 17 3.69 19.14 0.99
N THR A 18 4.22 19.01 -0.21
CA THR A 18 3.40 18.90 -1.42
C THR A 18 3.86 17.72 -2.26
N ILE A 19 2.91 16.89 -2.69
CA ILE A 19 3.22 15.79 -3.60
C ILE A 19 3.39 16.36 -4.99
N LEU A 20 4.55 16.14 -5.60
CA LEU A 20 4.93 16.75 -6.87
C LEU A 20 4.94 15.79 -8.04
N ALA A 21 4.95 14.48 -7.79
CA ALA A 21 5.00 13.43 -8.79
C ALA A 21 4.66 12.10 -8.12
N ILE A 22 3.97 11.22 -8.85
CA ILE A 22 3.60 9.88 -8.38
C ILE A 22 3.78 8.91 -9.54
N SER A 23 4.43 7.77 -9.29
CA SER A 23 4.51 6.69 -10.27
C SER A 23 4.37 5.34 -9.60
N THR A 24 3.98 4.33 -10.39
CA THR A 24 3.79 2.97 -9.89
C THR A 24 4.44 1.97 -10.84
N ALA A 25 4.65 0.76 -10.32
CA ALA A 25 5.22 -0.33 -11.10
C ALA A 25 4.74 -1.65 -10.50
N THR A 26 4.60 -2.66 -11.35
CA THR A 26 4.24 -4.00 -10.93
C THR A 26 5.10 -5.00 -11.69
N PRO A 27 5.32 -6.19 -11.15
CA PRO A 27 5.99 -7.22 -11.93
C PRO A 27 5.11 -7.61 -13.10
N PRO A 28 5.72 -8.04 -14.21
CA PRO A 28 4.91 -8.43 -15.38
C PRO A 28 3.89 -9.51 -15.08
N ASN A 29 4.31 -10.55 -14.36
CA ASN A 29 3.47 -11.72 -14.16
C ASN A 29 2.20 -11.38 -13.42
N CYS A 30 1.06 -11.76 -14.01
CA CYS A 30 -0.27 -11.40 -13.55
C CYS A 30 -1.05 -12.69 -13.35
N VAL A 31 -1.95 -12.72 -12.36
CA VAL A 31 -2.88 -13.83 -12.20
C VAL A 31 -4.31 -13.30 -12.18
N ILE A 32 -5.14 -13.89 -13.04
CA ILE A 32 -6.57 -13.61 -13.03
C ILE A 32 -7.20 -14.27 -11.82
N GLN A 33 -7.92 -13.48 -11.01
CA GLN A 33 -8.44 -14.00 -9.74
C GLN A 33 -9.43 -15.13 -9.93
N ALA A 34 -10.19 -15.10 -11.02
CA ALA A 34 -11.17 -16.15 -11.26
C ALA A 34 -10.51 -17.51 -11.46
N ASP A 35 -9.27 -17.53 -11.95
CA ASP A 35 -8.50 -18.74 -12.19
C ASP A 35 -7.63 -19.14 -11.00
N TYR A 36 -7.59 -18.34 -9.94
CA TYR A 36 -6.58 -18.55 -8.91
C TYR A 36 -6.87 -19.75 -8.00
N PRO A 37 -8.11 -20.00 -7.57
CA PRO A 37 -8.32 -21.17 -6.70
C PRO A 37 -7.85 -22.47 -7.33
N ASP A 38 -8.11 -22.67 -8.63
CA ASP A 38 -7.64 -23.89 -9.30
C ASP A 38 -6.12 -23.92 -9.38
N TYR A 39 -5.50 -22.79 -9.76
CA TYR A 39 -4.05 -22.74 -9.82
C TYR A 39 -3.42 -22.97 -8.46
N TYR A 40 -3.92 -22.26 -7.43
CA TYR A 40 -3.33 -22.34 -6.10
C TYR A 40 -3.43 -23.75 -5.53
N PHE A 41 -4.62 -24.35 -5.59
CA PHE A 41 -4.75 -25.68 -5.02
C PHE A 41 -4.00 -26.73 -5.83
N LYS A 42 -3.71 -26.46 -7.11
CA LYS A 42 -2.91 -27.41 -7.88
C LYS A 42 -1.42 -27.28 -7.57
N ILE A 43 -0.90 -26.06 -7.53
CA ILE A 43 0.53 -25.87 -7.35
C ILE A 43 0.95 -26.25 -5.92
N THR A 44 0.03 -26.18 -4.97
CA THR A 44 0.31 -26.60 -3.60
C THR A 44 -0.10 -28.05 -3.35
N ASN A 45 -0.50 -28.76 -4.39
CA ASN A 45 -0.77 -30.20 -4.30
C ASN A 45 -1.88 -30.51 -3.28
N SER A 46 -2.96 -29.72 -3.32
CA SER A 46 -3.98 -29.80 -2.27
C SER A 46 -5.39 -29.98 -2.85
N GLU A 47 -5.50 -30.52 -4.06
CA GLU A 47 -6.80 -30.66 -4.69
C GLU A 47 -7.70 -31.66 -3.97
N HIS A 48 -7.14 -32.55 -3.17
CA HIS A 48 -7.96 -33.42 -2.34
C HIS A 48 -8.70 -32.67 -1.24
N MET A 49 -8.36 -31.39 -1.03
CA MET A 49 -8.99 -30.56 -0.01
C MET A 49 -10.21 -29.86 -0.63
N THR A 50 -11.19 -30.69 -1.00
CA THR A 50 -12.30 -30.24 -1.84
C THR A 50 -13.09 -29.10 -1.19
N GLU A 51 -13.43 -29.25 0.10
CA GLU A 51 -14.20 -28.21 0.78
C GLU A 51 -13.37 -26.96 1.00
N LEU A 52 -12.12 -27.13 1.45
CA LEU A 52 -11.26 -25.97 1.68
C LEU A 52 -11.02 -25.21 0.37
N LYS A 53 -10.93 -25.93 -0.76
CA LYS A 53 -10.81 -25.26 -2.06
C LYS A 53 -12.04 -24.43 -2.38
N GLU A 54 -13.23 -24.96 -2.11
CA GLU A 54 -14.46 -24.20 -2.36
C GLU A 54 -14.53 -22.98 -1.45
N LYS A 55 -14.13 -23.14 -0.20
CA LYS A 55 -14.03 -22.00 0.71
C LYS A 55 -13.07 -20.95 0.15
N PHE A 56 -11.92 -21.38 -0.35
CA PHE A 56 -10.99 -20.44 -0.96
C PHE A 56 -11.59 -19.81 -2.19
N ARG A 57 -12.37 -20.58 -2.96
CA ARG A 57 -13.04 -20.04 -4.12
C ARG A 57 -13.99 -18.91 -3.72
N ARG A 58 -14.74 -19.12 -2.64
CA ARG A 58 -15.62 -18.06 -2.15
C ARG A 58 -14.83 -16.84 -1.71
N LEU A 59 -13.70 -17.03 -1.04
CA LEU A 59 -12.87 -15.91 -0.61
C LEU A 59 -12.39 -15.10 -1.80
N CYS A 60 -11.93 -15.78 -2.86
CA CYS A 60 -11.44 -15.09 -4.05
C CYS A 60 -12.57 -14.39 -4.78
N GLU A 61 -13.76 -15.00 -4.80
CA GLU A 61 -14.90 -14.37 -5.44
C GLU A 61 -15.36 -13.15 -4.66
N LYS A 62 -15.37 -13.25 -3.33
CA LYS A 62 -15.78 -12.14 -2.48
C LYS A 62 -14.69 -11.07 -2.34
N SER A 63 -13.46 -11.35 -2.77
CA SER A 63 -12.36 -10.40 -2.58
C SER A 63 -12.54 -9.11 -3.37
N MET A 64 -13.34 -9.13 -4.44
CA MET A 64 -13.52 -7.97 -5.33
C MET A 64 -12.20 -7.57 -6.00
N ILE A 65 -11.36 -8.57 -6.26
CA ILE A 65 -10.12 -8.42 -6.98
C ILE A 65 -10.27 -9.13 -8.31
N ARG A 66 -9.98 -8.42 -9.40
CA ARG A 66 -10.00 -9.02 -10.73
C ARG A 66 -8.66 -9.65 -11.08
N LYS A 67 -7.54 -8.98 -10.78
CA LYS A 67 -6.24 -9.55 -11.09
C LYS A 67 -5.24 -9.08 -10.04
N ARG A 68 -4.12 -9.79 -9.96
CA ARG A 68 -3.03 -9.44 -9.07
C ARG A 68 -1.72 -9.69 -9.80
N HIS A 69 -0.74 -8.84 -9.52
CA HIS A 69 0.61 -9.07 -10.01
C HIS A 69 1.43 -9.76 -8.93
N MET A 70 2.23 -10.73 -9.35
CA MET A 70 3.08 -11.52 -8.47
C MET A 70 4.33 -11.89 -9.21
N LEU A 72 6.35 -13.95 -8.23
CA LEU A 72 6.43 -15.41 -8.02
C LEU A 72 5.72 -16.17 -9.14
N THR A 73 6.46 -17.00 -9.86
CA THR A 73 5.90 -17.80 -10.94
C THR A 73 5.81 -19.26 -10.54
N GLU A 74 5.02 -20.01 -11.30
CA GLU A 74 5.01 -21.47 -11.17
C GLU A 74 6.44 -22.02 -11.17
N GLU A 75 7.29 -21.50 -12.06
CA GLU A 75 8.65 -22.01 -12.20
C GLU A 75 9.47 -21.77 -10.95
N ILE A 76 9.38 -20.56 -10.38
CA ILE A 76 10.14 -20.26 -9.17
C ILE A 76 9.63 -21.11 -8.01
N LEU A 77 8.31 -21.28 -7.92
CA LEU A 77 7.72 -22.08 -6.84
C LEU A 77 8.10 -23.54 -6.96
N LYS A 78 8.18 -24.06 -8.19
CA LYS A 78 8.65 -25.43 -8.39
C LYS A 78 10.09 -25.59 -7.91
N ALA A 79 10.91 -24.56 -8.09
CA ALA A 79 12.30 -24.60 -7.65
C ALA A 79 12.45 -24.44 -6.14
N ASN A 80 11.38 -24.06 -5.45
CA ASN A 80 11.40 -23.80 -4.01
C ASN A 80 10.20 -24.48 -3.38
N PRO A 81 10.15 -25.81 -3.41
CA PRO A 81 8.91 -26.51 -3.00
C PRO A 81 8.50 -26.27 -1.56
N ASN A 82 9.45 -26.03 -0.66
CA ASN A 82 9.03 -25.74 0.72
C ASN A 82 8.18 -24.48 0.82
N MET A 83 8.31 -23.54 -0.13
CA MET A 83 7.39 -22.41 -0.18
C MET A 83 5.96 -22.83 -0.46
N CYS A 84 5.73 -24.01 -1.04
CA CYS A 84 4.38 -24.47 -1.34
C CYS A 84 3.73 -25.24 -0.21
N LEU A 85 4.48 -25.62 0.81
CA LEU A 85 3.90 -26.19 2.01
C LEU A 85 3.29 -25.07 2.84
N HIS A 86 2.47 -25.46 3.83
CA HIS A 86 1.95 -24.42 4.72
C HIS A 86 3.04 -23.88 5.63
N MET A 87 3.81 -24.78 6.25
CA MET A 87 4.88 -24.38 7.18
C MET A 87 6.16 -25.13 6.84
N GLY A 88 6.63 -25.00 5.60
CA GLY A 88 7.92 -25.55 5.22
C GLY A 88 9.03 -24.53 5.46
N THR A 89 10.16 -25.01 5.97
CA THR A 89 11.33 -24.17 6.20
C THR A 89 11.76 -23.53 4.90
N SER A 90 11.71 -22.20 4.84
CA SER A 90 11.84 -21.54 3.55
C SER A 90 12.22 -20.06 3.63
N LEU A 91 12.55 -19.56 4.82
CA LEU A 91 12.88 -18.14 4.94
C LEU A 91 14.09 -17.79 4.10
N ASN A 92 15.13 -18.65 4.11
CA ASN A 92 16.32 -18.32 3.34
C ASN A 92 16.00 -18.21 1.86
N ALA A 93 15.18 -19.13 1.35
CA ALA A 93 14.77 -19.07 -0.06
C ALA A 93 13.98 -17.80 -0.36
N ARG A 94 13.06 -17.44 0.54
CA ARG A 94 12.25 -16.24 0.34
C ARG A 94 13.11 -14.98 0.37
N GLN A 95 14.03 -14.90 1.33
CA GLN A 95 14.95 -13.77 1.40
C GLN A 95 15.77 -13.63 0.11
N ASP A 96 16.36 -14.75 -0.34
CA ASP A 96 17.17 -14.72 -1.55
C ASP A 96 16.40 -14.11 -2.72
N ILE A 97 15.10 -14.41 -2.82
CA ILE A 97 14.31 -13.85 -3.91
C ILE A 97 13.92 -12.42 -3.62
N SER A 98 13.37 -12.19 -2.42
CA SER A 98 12.69 -10.92 -2.16
C SER A 98 13.68 -9.76 -2.02
N LEU A 99 14.83 -9.99 -1.40
CA LEU A 99 15.74 -8.89 -1.13
C LEU A 99 16.28 -8.25 -2.42
N VAL A 100 16.34 -9.02 -3.51
CA VAL A 100 16.68 -8.47 -4.82
C VAL A 100 15.49 -7.79 -5.46
N GLU A 101 14.30 -8.40 -5.34
CA GLU A 101 13.12 -7.90 -6.02
C GLU A 101 12.66 -6.56 -5.46
N VAL A 102 12.68 -6.40 -4.13
CA VAL A 102 12.12 -5.21 -3.51
C VAL A 102 12.77 -3.94 -4.09
N PRO A 103 14.09 -3.75 -4.05
CA PRO A 103 14.64 -2.50 -4.61
C PRO A 103 14.55 -2.44 -6.13
N LYS A 104 14.55 -3.59 -6.80
CA LYS A 104 14.45 -3.60 -8.26
C LYS A 104 13.11 -3.06 -8.72
N LEU A 105 12.01 -3.57 -8.15
CA LEU A 105 10.70 -3.02 -8.48
C LEU A 105 10.58 -1.57 -8.01
N GLY A 106 11.16 -1.24 -6.86
CA GLY A 106 11.12 0.14 -6.40
C GLY A 106 11.85 1.08 -7.35
N LYS A 107 12.96 0.62 -7.91
CA LYS A 107 13.71 1.45 -8.85
C LYS A 107 12.88 1.77 -10.09
N GLU A 108 12.12 0.79 -10.59
CA GLU A 108 11.26 1.04 -11.73
C GLU A 108 10.28 2.17 -11.44
N ALA A 109 9.62 2.14 -10.28
CA ALA A 109 8.70 3.21 -9.94
C ALA A 109 9.44 4.53 -9.74
N ALA A 110 10.59 4.50 -9.06
CA ALA A 110 11.32 5.72 -8.78
C ALA A 110 11.76 6.43 -10.05
N THR A 111 12.29 5.67 -11.02
CA THR A 111 12.74 6.30 -12.27
C THR A 111 11.61 7.06 -12.94
N LYS A 112 10.41 6.49 -12.92
CA LYS A 112 9.28 7.11 -13.58
C LYS A 112 8.83 8.35 -12.82
N ALA A 113 8.82 8.29 -11.48
CA ALA A 113 8.47 9.47 -10.70
C ALA A 113 9.45 10.62 -10.94
N ILE A 114 10.74 10.30 -11.00
CA ILE A 114 11.75 11.33 -11.21
C ILE A 114 11.63 11.92 -12.60
N LYS A 115 11.32 11.09 -13.59
CA LYS A 115 11.07 11.59 -14.94
C LYS A 115 9.88 12.54 -14.97
N GLU A 116 8.77 12.15 -14.33
CA GLU A 116 7.64 13.07 -14.24
C GLU A 116 8.04 14.37 -13.59
N TRP A 117 8.72 14.28 -12.45
CA TRP A 117 9.13 15.49 -11.72
C TRP A 117 10.00 16.39 -12.59
N GLY A 118 10.95 15.80 -13.30
CA GLY A 118 11.73 16.51 -14.29
C GLY A 118 12.98 17.21 -13.80
N GLN A 119 13.31 17.10 -12.52
CA GLN A 119 14.50 17.70 -11.96
C GLN A 119 15.63 16.68 -11.85
N PRO A 120 16.87 17.13 -11.75
CA PRO A 120 17.99 16.18 -11.61
C PRO A 120 17.90 15.41 -10.30
N LYS A 121 18.31 14.15 -10.34
CA LYS A 121 18.26 13.35 -9.12
C LYS A 121 19.22 13.87 -8.05
N SER A 122 20.17 14.74 -8.43
CA SER A 122 21.03 15.36 -7.42
C SER A 122 20.28 16.33 -6.51
N LYS A 123 19.05 16.69 -6.86
CA LYS A 123 18.25 17.55 -6.00
C LYS A 123 17.41 16.75 -5.02
N ILE A 124 17.48 15.43 -5.07
CA ILE A 124 16.83 14.60 -4.06
C ILE A 124 17.71 14.58 -2.81
N THR A 125 17.22 15.18 -1.73
CA THR A 125 17.97 15.34 -0.49
C THR A 125 17.68 14.26 0.54
N HIS A 126 16.50 13.62 0.43
CA HIS A 126 16.01 12.63 1.38
C HIS A 126 15.42 11.45 0.62
N LEU A 127 15.56 10.25 1.20
CA LEU A 127 14.94 9.04 0.66
C LEU A 127 14.24 8.31 1.78
N ILE A 128 12.96 8.05 1.60
CA ILE A 128 12.21 7.12 2.46
C ILE A 128 11.94 5.86 1.68
N PHE A 129 12.40 4.72 2.18
CA PHE A 129 12.08 3.42 1.59
C PHE A 129 11.23 2.64 2.58
N CYS A 130 10.20 1.98 2.07
CA CYS A 130 9.24 1.26 2.90
C CYS A 130 8.95 -0.11 2.26
N THR A 131 9.09 -1.17 3.06
CA THR A 131 8.71 -2.51 2.63
C THR A 131 8.50 -3.40 3.84
N SER A 132 7.58 -4.35 3.70
CA SER A 132 7.43 -5.46 4.64
C SER A 132 7.78 -6.81 3.99
N ALA A 133 8.49 -6.79 2.87
CA ALA A 133 8.74 -8.01 2.11
C ALA A 133 10.09 -8.65 2.40
N GLY A 134 10.89 -8.09 3.31
CA GLY A 134 12.16 -8.71 3.66
C GLY A 134 13.16 -7.71 4.21
N VAL A 135 13.79 -8.04 5.34
CA VAL A 135 14.77 -7.16 5.97
C VAL A 135 16.17 -7.67 5.68
N ASP A 136 17.09 -6.72 5.58
CA ASP A 136 18.50 -6.97 5.30
C ASP A 136 19.30 -5.77 5.79
N MET A 137 20.61 -5.96 5.94
CA MET A 137 21.53 -4.92 6.39
C MET A 137 22.73 -4.87 5.44
N PRO A 138 22.95 -3.77 4.71
CA PRO A 138 22.12 -2.56 4.69
C PRO A 138 20.81 -2.87 4.00
N GLY A 139 19.91 -1.90 4.10
CA GLY A 139 18.54 -2.09 3.71
C GLY A 139 18.28 -1.77 2.25
N ALA A 140 17.00 -1.93 1.88
CA ALA A 140 16.57 -1.60 0.54
C ALA A 140 16.81 -0.14 0.20
N ASP A 141 16.85 0.74 1.20
CA ASP A 141 17.17 2.15 0.92
C ASP A 141 18.57 2.29 0.35
N TYR A 142 19.54 1.58 0.95
CA TYR A 142 20.89 1.55 0.42
C TYR A 142 20.90 1.01 -1.02
N GLN A 143 20.25 -0.15 -1.23
CA GLN A 143 20.25 -0.74 -2.57
C GLN A 143 19.65 0.23 -3.59
N LEU A 144 18.54 0.90 -3.23
CA LEU A 144 17.94 1.84 -4.17
C LEU A 144 18.84 3.03 -4.43
N THR A 145 19.52 3.52 -3.40
CA THR A 145 20.41 4.68 -3.57
C THR A 145 21.49 4.36 -4.60
N ARG A 146 22.06 3.16 -4.52
CA ARG A 146 23.11 2.76 -5.45
C ARG A 146 22.54 2.47 -6.83
N LEU A 147 21.38 1.79 -6.91
CA LEU A 147 20.78 1.49 -8.20
C LEU A 147 20.41 2.77 -8.95
N LEU A 148 19.88 3.77 -8.25
CA LEU A 148 19.48 5.03 -8.90
C LEU A 148 20.64 5.99 -9.07
N GLY A 149 21.76 5.76 -8.40
CA GLY A 149 22.81 6.77 -8.34
C GLY A 149 22.39 8.06 -7.66
N LEU A 150 21.68 7.96 -6.52
CA LEU A 150 21.43 9.15 -5.73
C LEU A 150 22.72 9.61 -5.08
N SER A 151 22.71 10.84 -4.59
CA SER A 151 23.87 11.36 -3.88
C SER A 151 24.22 10.46 -2.71
N PRO A 152 25.51 10.21 -2.46
CA PRO A 152 25.88 9.48 -1.22
C PRO A 152 25.37 10.15 0.02
N GLU A 153 25.15 11.47 -0.01
CA GLU A 153 24.72 12.22 1.15
C GLU A 153 23.20 12.29 1.29
N VAL A 154 22.46 11.52 0.50
CA VAL A 154 21.01 11.51 0.65
C VAL A 154 20.66 11.02 2.05
N LYS A 155 19.72 11.70 2.68
CA LYS A 155 19.32 11.42 4.06
C LYS A 155 18.22 10.36 4.01
N ARG A 156 18.54 9.14 4.46
CA ARG A 156 17.67 7.98 4.27
C ARG A 156 16.91 7.61 5.55
N MET A 157 15.65 7.23 5.39
CA MET A 157 14.86 6.64 6.46
C MET A 157 14.31 5.31 5.95
N MET A 158 14.62 4.23 6.64
CA MET A 158 14.25 2.86 6.24
C MET A 158 13.09 2.37 7.12
N ILE A 159 11.90 2.25 6.53
CA ILE A 159 10.68 1.90 7.26
C ILE A 159 10.37 0.45 6.91
N TYR A 160 10.80 -0.46 7.80
CA TYR A 160 10.67 -1.89 7.60
C TYR A 160 9.52 -2.46 8.41
N GLN A 161 8.74 -3.33 7.77
CA GLN A 161 7.88 -4.29 8.45
C GLN A 161 6.69 -3.65 9.14
N GLN A 162 6.28 -2.45 8.71
CA GLN A 162 5.15 -1.76 9.32
C GLN A 162 3.83 -2.11 8.66
N GLY A 163 3.84 -3.02 7.68
CA GLY A 163 2.58 -3.53 7.14
C GLY A 163 1.68 -2.57 6.38
N TYR A 165 -0.48 -0.11 6.96
CA TYR A 165 -0.77 1.31 7.16
C TYR A 165 0.39 2.21 6.71
N ALA A 166 1.48 1.59 6.29
CA ALA A 166 2.72 2.31 6.11
C ALA A 166 2.74 3.22 4.87
N GLY A 167 1.82 3.04 3.92
CA GLY A 167 1.68 4.01 2.85
C GLY A 167 1.30 5.38 3.36
N ALA A 168 0.49 5.43 4.43
CA ALA A 168 0.25 6.70 5.10
C ALA A 168 1.42 7.11 6.01
N THR A 169 2.04 6.14 6.71
CA THR A 169 3.21 6.46 7.55
C THR A 169 4.26 7.25 6.79
N VAL A 170 4.53 6.85 5.54
CA VAL A 170 5.61 7.52 4.82
C VAL A 170 5.24 8.95 4.45
N LEU A 171 3.94 9.23 4.28
CA LEU A 171 3.52 10.61 4.07
C LEU A 171 3.64 11.42 5.36
N ARG A 172 3.26 10.82 6.49
CA ARG A 172 3.46 11.45 7.80
C ARG A 172 4.93 11.77 8.03
N LEU A 173 5.82 10.81 7.71
CA LEU A 173 7.26 11.06 7.80
C LEU A 173 7.71 12.16 6.84
N ALA A 174 7.31 12.05 5.56
CA ALA A 174 7.77 13.00 4.56
C ALA A 174 7.35 14.42 4.90
N LYS A 175 6.15 14.60 5.49
CA LYS A 175 5.71 15.93 5.87
C LYS A 175 6.72 16.61 6.78
N ASP A 176 7.18 15.91 7.83
CA ASP A 176 8.06 16.56 8.80
C ASP A 176 9.46 16.74 8.22
N LEU A 177 9.95 15.76 7.46
CA LEU A 177 11.26 15.92 6.80
C LEU A 177 11.25 17.15 5.88
N THR A 178 10.24 17.28 5.01
CA THR A 178 10.33 18.34 4.00
C THR A 178 10.05 19.70 4.61
N GLU A 179 9.14 19.78 5.56
CA GLU A 179 8.78 21.07 6.13
C GLU A 179 9.83 21.57 7.10
N ASN A 180 10.63 20.68 7.68
CA ASN A 180 11.65 21.16 8.58
C ASN A 180 12.97 21.42 7.89
N ASN A 181 13.07 21.17 6.59
CA ASN A 181 14.34 21.31 5.86
C ASN A 181 14.12 22.10 4.58
N LYS A 182 14.44 23.40 4.62
CA LYS A 182 14.24 24.25 3.44
C LYS A 182 15.01 23.70 2.25
N GLY A 183 14.36 23.74 1.08
CA GLY A 183 14.93 23.24 -0.15
C GLY A 183 14.87 21.74 -0.33
N SER A 184 14.44 20.99 0.68
CA SER A 184 14.52 19.55 0.61
C SER A 184 13.53 19.00 -0.41
N ARG A 185 13.92 17.90 -1.04
CA ARG A 185 13.04 17.12 -1.89
C ARG A 185 13.22 15.66 -1.49
N VAL A 186 12.11 15.04 -1.08
CA VAL A 186 12.08 13.64 -0.65
C VAL A 186 11.57 12.73 -1.75
N LEU A 187 12.33 11.67 -2.02
CA LEU A 187 11.84 10.54 -2.80
C LEU A 187 11.31 9.49 -1.82
N ILE A 188 10.04 9.11 -1.99
CA ILE A 188 9.42 8.03 -1.23
C ILE A 188 9.30 6.83 -2.16
N VAL A 189 9.70 5.64 -1.69
CA VAL A 189 9.45 4.41 -2.44
C VAL A 189 8.89 3.37 -1.51
N CYS A 190 7.70 2.85 -1.87
CA CYS A 190 7.11 1.67 -1.23
C CYS A 190 7.14 0.52 -2.23
N SER A 191 7.63 -0.64 -1.79
CA SER A 191 7.73 -1.81 -2.65
C SER A 191 7.38 -3.04 -1.83
N GLU A 192 6.36 -3.78 -2.27
CA GLU A 192 5.79 -4.89 -1.51
C GLU A 192 5.63 -6.09 -2.44
N ASN A 193 5.70 -7.31 -1.89
CA ASN A 193 5.47 -8.49 -2.72
C ASN A 193 5.05 -9.67 -1.84
N THR A 194 4.62 -10.74 -2.49
CA THR A 194 4.09 -11.90 -1.77
C THR A 194 5.13 -12.99 -1.51
N VAL A 195 6.41 -12.75 -1.84
CA VAL A 195 7.43 -13.79 -1.62
C VAL A 195 7.49 -14.24 -0.18
N PRO A 196 7.45 -13.36 0.84
CA PRO A 196 7.52 -13.89 2.22
C PRO A 196 6.23 -14.52 2.71
N THR A 197 5.09 -14.21 2.09
CA THR A 197 3.80 -14.66 2.63
C THR A 197 3.15 -15.81 1.87
N PHE A 198 3.50 -16.03 0.60
CA PHE A 198 2.89 -17.14 -0.12
C PHE A 198 3.16 -18.46 0.60
N ARG A 199 2.11 -19.26 0.81
CA ARG A 199 2.29 -20.60 1.36
C ARG A 199 1.07 -21.45 1.07
N GLY A 200 1.25 -22.76 1.22
CA GLY A 200 0.19 -23.71 0.99
C GLY A 200 -0.92 -23.65 2.03
N PRO A 201 -2.03 -24.33 1.76
CA PRO A 201 -3.22 -24.21 2.60
C PRO A 201 -3.24 -25.16 3.79
N SER A 202 -4.00 -24.76 4.80
CA SER A 202 -4.14 -25.53 6.03
C SER A 202 -5.56 -25.39 6.57
N ASP A 203 -6.22 -26.53 6.86
CA ASP A 203 -7.60 -26.44 7.31
C ASP A 203 -7.70 -26.02 8.79
N THR A 204 -6.57 -25.71 9.44
CA THR A 204 -6.57 -25.10 10.75
C THR A 204 -6.03 -23.66 10.74
N HIS A 205 -5.75 -23.10 9.55
CA HIS A 205 -5.26 -21.73 9.43
C HIS A 205 -6.02 -21.02 8.32
N ILE A 206 -7.32 -20.81 8.54
CA ILE A 206 -8.14 -20.19 7.50
C ILE A 206 -7.71 -18.75 7.26
N ASP A 207 -7.32 -18.05 8.32
CA ASP A 207 -6.90 -16.67 8.13
C ASP A 207 -5.70 -16.58 7.21
N SER A 208 -4.87 -17.63 7.15
CA SER A 208 -3.75 -17.64 6.20
C SER A 208 -4.27 -17.70 4.76
N LEU A 209 -5.37 -18.42 4.53
CA LEU A 209 -5.98 -18.46 3.21
C LEU A 209 -6.48 -17.10 2.78
N VAL A 210 -7.03 -16.32 3.73
CA VAL A 210 -7.49 -14.98 3.41
C VAL A 210 -6.35 -14.16 2.81
N GLY A 211 -5.16 -14.23 3.42
CA GLY A 211 -3.99 -13.58 2.84
C GLY A 211 -3.66 -14.09 1.44
N GLN A 212 -3.78 -15.40 1.22
CA GLN A 212 -3.50 -15.93 -0.12
C GLN A 212 -4.49 -15.38 -1.15
N ALA A 213 -5.70 -15.04 -0.73
CA ALA A 213 -6.68 -14.47 -1.63
C ALA A 213 -6.46 -12.98 -1.90
N LEU A 214 -5.75 -12.28 -1.02
CA LEU A 214 -5.71 -10.82 -1.08
C LEU A 214 -4.36 -10.23 -1.47
N PHE A 215 -3.24 -10.78 -1.01
CA PHE A 215 -1.97 -10.06 -1.10
C PHE A 215 -1.38 -10.08 -2.51
N ALA A 216 -0.69 -8.99 -2.85
CA ALA A 216 -0.19 -8.79 -4.21
C ALA A 216 1.10 -7.97 -4.18
N ASP A 217 1.73 -7.87 -5.36
CA ASP A 217 2.99 -7.15 -5.54
C ASP A 217 2.73 -5.78 -6.16
N GLY A 218 3.53 -4.80 -5.76
CA GLY A 218 3.48 -3.50 -6.41
C GLY A 218 4.42 -2.54 -5.72
N ALA A 219 4.78 -1.49 -6.46
CA ALA A 219 5.63 -0.44 -5.93
C ALA A 219 5.09 0.90 -6.40
N ALA A 220 5.27 1.90 -5.54
CA ALA A 220 4.90 3.27 -5.86
C ALA A 220 6.00 4.20 -5.41
N ALA A 221 6.16 5.31 -6.13
CA ALA A 221 7.21 6.27 -5.81
C ALA A 221 6.61 7.66 -5.96
N LEU A 222 7.02 8.56 -5.06
CA LEU A 222 6.58 9.95 -5.03
C LEU A 222 7.76 10.88 -4.81
N ILE A 223 7.62 12.11 -5.30
CA ILE A 223 8.47 13.23 -4.90
C ILE A 223 7.63 14.16 -4.05
N VAL A 224 8.14 14.53 -2.88
CA VAL A 224 7.45 15.42 -1.95
C VAL A 224 8.39 16.56 -1.59
N GLY A 225 7.85 17.78 -1.53
CA GLY A 225 8.63 18.91 -1.11
C GLY A 225 7.73 20.06 -0.73
N ALA A 226 8.20 20.86 0.22
CA ALA A 226 7.51 22.10 0.55
C ALA A 226 8.01 23.21 -0.38
N ASP A 227 7.21 24.29 -0.49
CA ASP A 227 7.57 25.43 -1.33
C ASP A 227 7.88 25.03 -2.76
N PRO A 228 6.92 24.52 -3.52
CA PRO A 228 7.20 24.13 -4.92
C PRO A 228 7.58 25.35 -5.74
N ASP A 229 8.46 25.12 -6.72
CA ASP A 229 8.83 26.15 -7.69
C ASP A 229 7.87 26.04 -8.86
N ALA A 230 6.96 27.02 -8.98
CA ALA A 230 5.88 26.93 -9.96
C ALA A 230 6.41 26.90 -11.39
N SER A 231 7.62 27.38 -11.63
CA SER A 231 8.13 27.36 -13.00
C SER A 231 8.56 25.97 -13.44
N ILE A 232 8.82 25.05 -12.51
CA ILE A 232 9.40 23.76 -12.88
C ILE A 232 8.65 22.60 -12.23
N GLU A 233 7.82 22.88 -11.23
CA GLU A 233 7.16 21.81 -10.48
C GLU A 233 5.65 21.99 -10.49
N ARG A 234 4.93 20.89 -10.37
CA ARG A 234 3.47 20.90 -10.46
C ARG A 234 2.86 20.20 -9.25
N PRO A 235 2.28 20.94 -8.31
CA PRO A 235 1.63 20.31 -7.15
C PRO A 235 0.43 19.47 -7.53
N LEU A 236 0.30 18.32 -6.85
CA LEU A 236 -0.86 17.43 -6.98
C LEU A 236 -1.71 17.40 -5.72
N TYR A 237 -1.07 17.29 -4.55
CA TYR A 237 -1.76 17.31 -3.26
C TYR A 237 -0.86 18.02 -2.26
N HIS A 238 -1.48 18.62 -1.25
CA HIS A 238 -0.80 19.18 -0.08
C HIS A 238 -1.12 18.31 1.14
N ILE A 239 -0.09 18.02 1.95
CA ILE A 239 -0.27 17.19 3.14
C ILE A 239 -0.49 18.11 4.33
N VAL A 240 -1.73 18.21 4.78
CA VAL A 240 -2.06 19.22 5.78
C VAL A 240 -1.75 18.72 7.18
N SER A 241 -2.10 17.46 7.48
CA SER A 241 -1.88 16.92 8.82
C SER A 241 -1.76 15.41 8.71
N ALA A 242 -1.17 14.80 9.74
CA ALA A 242 -0.99 13.35 9.75
C ALA A 242 -1.03 12.86 11.20
N SER A 243 -1.92 11.92 11.48
CA SER A 243 -2.13 11.36 12.81
C SER A 243 -2.00 9.85 12.76
N GLN A 244 -1.81 9.25 13.94
CA GLN A 244 -1.74 7.80 14.08
C GLN A 244 -2.38 7.41 15.41
N THR A 245 -3.19 6.34 15.38
CA THR A 245 -3.80 5.89 16.63
C THR A 245 -3.97 4.38 16.63
N LEU A 246 -3.97 3.83 17.83
CA LEU A 246 -4.26 2.42 18.10
C LEU A 246 -5.72 2.28 18.50
N LEU A 247 -6.38 1.23 18.01
CA LEU A 247 -7.81 1.10 18.30
C LEU A 247 -8.05 0.35 19.61
N PRO A 248 -9.04 0.78 20.41
CA PRO A 248 -9.27 0.15 21.71
C PRO A 248 -9.65 -1.32 21.57
N ASP A 249 -9.14 -2.13 22.50
CA ASP A 249 -9.49 -3.55 22.64
C ASP A 249 -9.16 -4.36 21.39
N SER A 250 -8.20 -3.91 20.58
CA SER A 250 -7.93 -4.56 19.30
C SER A 250 -6.65 -5.41 19.31
N ASP A 251 -5.95 -5.49 20.44
CA ASP A 251 -4.68 -6.22 20.50
C ASP A 251 -4.83 -7.63 19.95
N GLY A 252 -3.91 -7.99 19.05
CA GLY A 252 -3.86 -9.31 18.46
C GLY A 252 -4.66 -9.49 17.20
N ALA A 253 -5.40 -8.47 16.72
CA ALA A 253 -6.31 -8.69 15.61
C ALA A 253 -5.58 -8.92 14.28
N ILE A 254 -4.44 -8.26 14.08
CA ILE A 254 -3.58 -8.50 12.92
C ILE A 254 -2.16 -8.69 13.43
N GLU A 255 -1.55 -9.83 13.11
CA GLU A 255 -0.17 -10.05 13.51
C GLU A 255 0.56 -10.70 12.35
N GLY A 256 1.85 -10.41 12.25
CA GLY A 256 2.68 -11.03 11.25
C GLY A 256 4.02 -11.36 11.87
N HIS A 257 4.47 -12.62 11.76
CA HIS A 257 5.66 -13.08 12.46
C HIS A 257 6.69 -13.53 11.45
N ILE A 258 7.93 -13.08 11.62
CA ILE A 258 9.00 -13.48 10.71
C ILE A 258 9.63 -14.73 11.29
N ARG A 259 9.44 -15.85 10.58
CA ARG A 259 9.76 -17.18 11.09
C ARG A 259 10.58 -17.94 10.07
N GLU A 260 11.01 -19.13 10.48
CA GLU A 260 11.75 -20.03 9.59
C GLU A 260 10.93 -20.43 8.37
N ALA A 261 9.59 -20.41 8.48
CA ALA A 261 8.73 -20.66 7.33
C ALA A 261 8.35 -19.39 6.58
N GLY A 262 9.01 -18.26 6.82
CA GLY A 262 8.65 -17.00 6.19
C GLY A 262 7.78 -16.15 7.10
N LEU A 263 7.03 -15.24 6.47
CA LEU A 263 6.15 -14.32 7.20
C LEU A 263 4.78 -14.96 7.33
N THR A 264 4.44 -15.37 8.54
CA THR A 264 3.14 -15.97 8.79
C THR A 264 2.17 -14.85 9.16
N VAL A 265 0.94 -14.99 8.71
CA VAL A 265 -0.06 -13.92 8.77
C VAL A 265 -1.22 -14.42 9.61
N HIS A 266 -1.69 -13.58 10.54
CA HIS A 266 -2.70 -13.99 11.51
C HIS A 266 -3.75 -12.90 11.57
N LEU A 267 -5.00 -13.24 11.28
CA LEU A 267 -6.04 -12.26 11.02
C LEU A 267 -7.29 -12.70 11.74
N LYS A 268 -7.80 -11.86 12.64
CA LYS A 268 -9.06 -12.18 13.30
C LYS A 268 -10.25 -11.77 12.44
N LYS A 269 -11.38 -12.44 12.66
CA LYS A 269 -12.55 -12.22 11.80
C LYS A 269 -13.16 -10.85 12.00
N ASP A 270 -12.98 -10.23 13.16
CA ASP A 270 -13.61 -8.93 13.41
C ASP A 270 -12.69 -7.76 13.06
N VAL A 271 -11.65 -7.99 12.26
CA VAL A 271 -10.85 -6.87 11.76
C VAL A 271 -11.73 -5.81 11.09
N PRO A 272 -12.63 -6.13 10.15
CA PRO A 272 -13.46 -5.06 9.57
C PRO A 272 -14.29 -4.31 10.60
N ALA A 273 -14.80 -4.99 11.63
CA ALA A 273 -15.66 -4.31 12.61
C ALA A 273 -14.88 -3.32 13.45
N PHE A 274 -13.65 -3.66 13.83
CA PHE A 274 -12.80 -2.72 14.57
C PHE A 274 -12.55 -1.44 13.77
N PHE A 275 -12.24 -1.57 12.48
CA PHE A 275 -11.89 -0.37 11.71
C PHE A 275 -13.12 0.50 11.48
N SER A 276 -14.25 -0.11 11.12
CA SER A 276 -15.46 0.66 10.88
C SER A 276 -16.03 1.24 12.17
N ALA A 277 -15.91 0.52 13.30
CA ALA A 277 -16.46 1.06 14.53
C ALA A 277 -15.68 2.27 15.04
N ASN A 278 -14.43 2.44 14.64
CA ASN A 278 -13.57 3.46 15.21
C ASN A 278 -13.18 4.57 14.24
N ILE A 279 -13.49 4.41 12.95
CA ILE A 279 -12.95 5.33 11.96
C ILE A 279 -13.51 6.74 12.13
N GLU A 280 -14.78 6.88 12.57
CA GLU A 280 -15.32 8.23 12.61
C GLU A 280 -14.61 9.08 13.64
N LYS A 281 -14.09 8.49 14.72
CA LYS A 281 -13.30 9.26 15.67
C LYS A 281 -12.09 9.91 15.02
N SER A 282 -11.42 9.20 14.11
CA SER A 282 -10.30 9.81 13.40
C SER A 282 -10.78 10.94 12.50
N LEU A 283 -11.92 10.76 11.85
CA LEU A 283 -12.47 11.83 11.04
C LEU A 283 -12.80 13.05 11.90
N VAL A 284 -13.43 12.82 13.05
CA VAL A 284 -13.80 13.93 13.93
C VAL A 284 -12.55 14.69 14.36
N ASP A 285 -11.54 13.98 14.88
CA ASP A 285 -10.32 14.63 15.36
C ASP A 285 -9.60 15.38 14.24
N ALA A 286 -9.63 14.84 13.01
CA ALA A 286 -8.87 15.46 11.93
C ALA A 286 -9.59 16.63 11.29
N PHE A 287 -10.94 16.59 11.23
CA PHE A 287 -11.66 17.56 10.41
C PHE A 287 -12.48 18.57 11.20
N THR A 288 -12.96 18.24 12.39
CA THR A 288 -13.67 19.25 13.19
C THR A 288 -12.87 20.53 13.38
N PRO A 289 -11.56 20.50 13.65
CA PRO A 289 -10.81 21.75 13.78
C PRO A 289 -10.80 22.60 12.52
N ILE A 290 -11.06 22.00 11.34
CA ILE A 290 -11.13 22.73 10.08
C ILE A 290 -12.55 23.21 9.78
N GLY A 291 -13.51 22.85 10.61
CA GLY A 291 -14.90 23.19 10.37
C GLY A 291 -15.62 22.25 9.44
N ILE A 292 -15.12 21.02 9.26
CA ILE A 292 -15.69 20.06 8.30
C ILE A 292 -16.31 18.88 9.07
N SER A 293 -17.55 18.54 8.71
CA SER A 293 -18.25 17.43 9.32
C SER A 293 -18.96 16.51 8.32
N ASP A 294 -19.11 16.89 7.06
CA ASP A 294 -19.79 16.08 6.06
C ASP A 294 -18.77 15.17 5.35
N TRP A 295 -18.80 13.88 5.68
CA TRP A 295 -17.78 12.99 5.13
C TRP A 295 -18.00 12.70 3.65
N ASN A 296 -19.16 13.07 3.08
CA ASN A 296 -19.30 13.01 1.64
C ASN A 296 -18.75 14.24 0.93
N SER A 297 -18.38 15.30 1.68
CA SER A 297 -17.86 16.54 1.11
C SER A 297 -16.35 16.54 0.92
N ILE A 298 -15.68 15.44 1.28
CA ILE A 298 -14.23 15.30 1.15
C ILE A 298 -13.94 14.14 0.21
N PHE A 299 -12.77 14.20 -0.45
CA PHE A 299 -12.37 13.07 -1.27
C PHE A 299 -11.66 12.03 -0.40
N TRP A 300 -11.77 10.76 -0.80
CA TRP A 300 -11.36 9.63 0.04
C TRP A 300 -10.27 8.80 -0.63
N ILE A 301 -9.22 8.47 0.12
CA ILE A 301 -8.30 7.40 -0.26
C ILE A 301 -8.24 6.45 0.93
N ALA A 302 -8.72 5.21 0.75
CA ALA A 302 -8.79 4.27 1.86
C ALA A 302 -8.04 2.99 1.49
N HIS A 303 -7.07 2.61 2.33
CA HIS A 303 -6.34 1.38 2.10
C HIS A 303 -7.32 0.21 1.94
N PRO A 304 -7.28 -0.50 0.82
CA PRO A 304 -8.21 -1.63 0.65
C PRO A 304 -7.67 -2.92 1.25
N GLY A 305 -7.60 -2.96 2.59
CA GLY A 305 -7.09 -4.13 3.28
C GLY A 305 -7.92 -5.37 2.99
N GLY A 306 -9.21 -5.18 2.81
CA GLY A 306 -10.10 -6.18 2.27
C GLY A 306 -11.38 -5.44 1.94
N PRO A 307 -12.21 -6.01 1.06
CA PRO A 307 -13.46 -5.32 0.71
C PRO A 307 -14.38 -5.12 1.89
N ALA A 308 -14.32 -6.00 2.91
CA ALA A 308 -15.21 -5.85 4.05
C ALA A 308 -14.88 -4.61 4.88
N ILE A 309 -13.60 -4.22 4.93
CA ILE A 309 -13.27 -2.97 5.62
C ILE A 309 -13.91 -1.78 4.90
N LEU A 310 -13.76 -1.73 3.58
CA LEU A 310 -14.32 -0.62 2.81
C LEU A 310 -15.84 -0.64 2.84
N ASP A 311 -16.45 -1.83 2.76
CA ASP A 311 -17.92 -1.89 2.81
C ASP A 311 -18.45 -1.41 4.15
N GLN A 312 -17.81 -1.85 5.25
CA GLN A 312 -18.34 -1.51 6.57
C GLN A 312 -18.08 -0.05 6.93
N VAL A 313 -16.95 0.52 6.50
CA VAL A 313 -16.75 1.97 6.67
C VAL A 313 -17.83 2.73 5.90
N GLU A 314 -18.06 2.32 4.66
CA GLU A 314 -19.07 2.97 3.82
C GLU A 314 -20.44 2.92 4.47
N GLU A 315 -20.80 1.77 5.03
CA GLU A 315 -22.12 1.61 5.65
C GLU A 315 -22.21 2.43 6.93
N LYS A 316 -21.18 2.34 7.77
CA LYS A 316 -21.20 3.02 9.06
C LYS A 316 -21.35 4.52 8.89
N LEU A 317 -20.69 5.09 7.89
CA LEU A 317 -20.63 6.53 7.72
C LEU A 317 -21.71 7.08 6.80
N GLY A 318 -22.39 6.22 6.05
CA GLY A 318 -23.33 6.68 5.05
C GLY A 318 -22.66 7.33 3.86
N LEU A 319 -21.52 6.80 3.43
CA LEU A 319 -20.86 7.33 2.26
C LEU A 319 -21.66 7.00 1.01
N ARG A 320 -21.83 7.99 0.15
CA ARG A 320 -22.35 7.72 -1.18
C ARG A 320 -21.48 6.69 -1.86
N LYS A 321 -22.10 5.89 -2.73
CA LYS A 321 -21.49 4.65 -3.18
C LYS A 321 -20.28 4.87 -4.09
N ASP A 322 -20.02 6.10 -4.55
CA ASP A 322 -18.89 6.37 -5.42
C ASP A 322 -17.71 7.03 -4.71
N LYS A 323 -17.85 7.37 -3.41
CA LYS A 323 -16.75 7.96 -2.68
C LYS A 323 -15.50 7.09 -2.71
N LEU A 324 -15.68 5.77 -2.57
CA LEU A 324 -14.55 4.85 -2.51
C LEU A 324 -14.22 4.24 -3.88
N LYS A 325 -14.67 4.86 -4.98
CA LYS A 325 -14.48 4.26 -6.31
C LYS A 325 -13.00 4.10 -6.66
N ALA A 326 -12.18 5.12 -6.40
CA ALA A 326 -10.77 5.02 -6.75
C ALA A 326 -10.07 3.93 -5.94
N SER A 327 -10.41 3.83 -4.66
CA SER A 327 -9.80 2.83 -3.80
C SER A 327 -10.22 1.43 -4.23
N ARG A 328 -11.50 1.26 -4.55
CA ARG A 328 -11.98 -0.04 -5.02
C ARG A 328 -11.43 -0.39 -6.39
N HIS A 329 -11.20 0.61 -7.25
CA HIS A 329 -10.61 0.32 -8.55
C HIS A 329 -9.20 -0.26 -8.41
N VAL A 330 -8.39 0.33 -7.54
CA VAL A 330 -7.04 -0.20 -7.36
C VAL A 330 -7.10 -1.60 -6.76
N MET A 331 -7.98 -1.82 -5.77
CA MET A 331 -8.17 -3.16 -5.22
C MET A 331 -8.54 -4.14 -6.32
N SER A 332 -9.42 -3.74 -7.23
CA SER A 332 -9.86 -4.66 -8.30
C SER A 332 -8.73 -5.01 -9.25
N GLU A 333 -7.93 -4.02 -9.65
CA GLU A 333 -6.92 -4.21 -10.69
C GLU A 333 -5.58 -4.66 -10.14
N PHE A 334 -5.37 -4.58 -8.81
CA PHE A 334 -4.06 -4.86 -8.26
C PHE A 334 -4.07 -5.65 -6.96
N GLY A 335 -5.20 -5.75 -6.25
CA GLY A 335 -5.22 -6.47 -4.99
C GLY A 335 -4.55 -5.67 -3.87
N ASN A 336 -4.31 -6.36 -2.76
CA ASN A 336 -3.77 -5.74 -1.55
C ASN A 336 -2.25 -5.75 -1.63
N MET A 337 -1.68 -4.65 -2.16
CA MET A 337 -0.24 -4.48 -2.23
C MET A 337 0.31 -3.77 -1.00
N SER A 338 -0.35 -3.93 0.15
CA SER A 338 0.16 -3.40 1.44
C SER A 338 0.41 -1.90 1.29
N SER A 339 1.59 -1.38 1.66
CA SER A 339 1.78 0.07 1.74
C SER A 339 1.58 0.77 0.39
N ALA A 340 1.82 0.06 -0.71
CA ALA A 340 1.74 0.70 -2.03
C ALA A 340 0.31 1.12 -2.40
N CYS A 341 -0.72 0.46 -1.82
CA CYS A 341 -2.09 0.67 -2.32
C CYS A 341 -2.50 2.15 -2.29
N VAL A 342 -2.36 2.81 -1.14
CA VAL A 342 -2.88 4.19 -1.06
C VAL A 342 -2.16 5.11 -2.04
N LEU A 343 -0.90 4.81 -2.36
CA LEU A 343 -0.15 5.62 -3.33
C LEU A 343 -0.63 5.34 -4.75
N PHE A 344 -0.89 4.07 -5.09
CA PHE A 344 -1.59 3.74 -6.34
C PHE A 344 -2.91 4.51 -6.44
N ILE A 345 -3.64 4.62 -5.33
CA ILE A 345 -4.96 5.27 -5.39
C ILE A 345 -4.83 6.76 -5.64
N LEU A 346 -3.88 7.43 -4.96
CA LEU A 346 -3.65 8.83 -5.27
C LEU A 346 -3.35 9.03 -6.76
N ASP A 347 -2.51 8.17 -7.34
CA ASP A 347 -2.18 8.28 -8.75
C ASP A 347 -3.40 8.11 -9.64
N GLU A 348 -4.20 7.09 -9.33
CA GLU A 348 -5.45 6.86 -10.06
C GLU A 348 -6.37 8.07 -9.98
N MET A 349 -6.52 8.66 -8.80
CA MET A 349 -7.51 9.72 -8.67
C MET A 349 -7.05 10.95 -9.43
N ARG A 350 -5.78 11.34 -9.29
CA ARG A 350 -5.32 12.53 -10.01
C ARG A 350 -5.34 12.30 -11.52
N LYS A 351 -5.01 11.08 -11.98
CA LYS A 351 -5.06 10.82 -13.42
C LYS A 351 -6.49 10.90 -13.92
N THR A 352 -7.40 10.23 -13.23
CA THR A 352 -8.81 10.22 -13.62
C THR A 352 -9.42 11.62 -13.61
N CYS A 353 -9.07 12.42 -12.60
CA CYS A 353 -9.61 13.77 -12.51
C CYS A 353 -9.12 14.63 -13.66
N LEU A 354 -7.84 14.48 -14.04
CA LEU A 354 -7.34 15.18 -15.21
C LEU A 354 -8.07 14.73 -16.47
N GLU A 355 -8.24 13.41 -16.63
CA GLU A 355 -8.90 12.88 -17.83
C GLU A 355 -10.36 13.31 -17.91
N GLU A 356 -11.09 13.25 -16.80
CA GLU A 356 -12.51 13.56 -16.77
C GLU A 356 -12.81 15.05 -16.59
N GLY A 357 -11.79 15.90 -16.60
CA GLY A 357 -12.00 17.33 -16.48
C GLY A 357 -12.59 17.81 -15.17
N LYS A 358 -12.23 17.18 -14.05
CA LYS A 358 -12.72 17.63 -12.76
C LYS A 358 -12.02 18.93 -12.35
N ALA A 359 -12.64 19.64 -11.40
CA ALA A 359 -12.11 20.95 -11.03
C ALA A 359 -10.83 20.85 -10.20
N THR A 360 -10.63 19.74 -9.48
CA THR A 360 -9.46 19.57 -8.62
C THR A 360 -8.93 18.15 -8.75
N THR A 361 -7.68 17.95 -8.33
CA THR A 361 -7.13 16.60 -8.25
C THR A 361 -7.84 15.73 -7.21
N GLY A 362 -8.75 16.30 -6.42
CA GLY A 362 -9.51 15.54 -5.45
C GLY A 362 -10.96 15.38 -5.86
N GLU A 363 -11.20 14.92 -7.10
CA GLU A 363 -12.57 14.69 -7.59
C GLU A 363 -13.42 15.96 -7.49
N GLY A 364 -12.78 17.11 -7.74
CA GLY A 364 -13.45 18.40 -7.68
C GLY A 364 -13.66 18.95 -6.28
N LEU A 365 -13.31 18.19 -5.25
CA LEU A 365 -13.42 18.64 -3.87
C LEU A 365 -12.09 19.25 -3.41
N ASP A 366 -12.16 20.02 -2.33
CA ASP A 366 -10.99 20.77 -1.87
C ASP A 366 -10.18 20.03 -0.81
N TRP A 367 -10.86 19.35 0.11
CA TRP A 367 -10.25 18.61 1.22
C TRP A 367 -10.48 17.11 1.08
N GLY A 368 -9.50 16.34 1.55
CA GLY A 368 -9.52 14.90 1.38
C GLY A 368 -8.90 14.20 2.58
N VAL A 369 -9.18 12.91 2.70
CA VAL A 369 -8.59 12.09 3.75
C VAL A 369 -7.95 10.86 3.12
N LEU A 370 -6.80 10.47 3.64
CA LEU A 370 -6.13 9.23 3.26
C LEU A 370 -5.90 8.39 4.51
N PHE A 371 -6.36 7.13 4.47
CA PHE A 371 -6.30 6.23 5.61
C PHE A 371 -5.37 5.05 5.34
N GLY A 372 -4.49 4.77 6.28
CA GLY A 372 -3.77 3.50 6.34
C GLY A 372 -4.32 2.67 7.49
N PHE A 373 -4.49 1.37 7.23
CA PHE A 373 -4.99 0.40 8.22
C PHE A 373 -4.02 -0.75 8.34
N GLY A 374 -3.71 -1.15 9.57
CA GLY A 374 -2.83 -2.29 9.73
C GLY A 374 -2.62 -2.71 11.17
N PRO A 375 -1.51 -3.41 11.43
CA PRO A 375 -1.30 -4.04 12.75
C PRO A 375 -1.32 -3.05 13.90
N GLY A 376 -1.91 -3.48 15.01
CA GLY A 376 -2.00 -2.67 16.22
C GLY A 376 -3.24 -2.97 17.03
N LEU A 377 -4.43 -2.74 16.47
CA LEU A 377 -4.74 -2.17 15.16
C LEU A 377 -4.40 -0.70 15.12
N THR A 378 -3.79 -0.29 14.01
CA THR A 378 -3.37 1.08 13.79
C THR A 378 -4.18 1.72 12.68
N VAL A 379 -4.63 2.95 12.91
CA VAL A 379 -5.20 3.78 11.86
C VAL A 379 -4.28 4.98 11.68
N GLU A 380 -3.81 5.18 10.45
CA GLU A 380 -3.08 6.39 10.07
C GLU A 380 -4.07 7.28 9.32
N THR A 381 -4.20 8.54 9.75
CA THR A 381 -5.11 9.51 9.13
C THR A 381 -4.32 10.70 8.62
N VAL A 382 -4.33 10.89 7.30
CA VAL A 382 -3.67 12.01 6.64
C VAL A 382 -4.74 12.91 6.04
N VAL A 383 -4.68 14.20 6.38
CA VAL A 383 -5.59 15.17 5.76
C VAL A 383 -4.87 15.81 4.58
N LEU A 384 -5.51 15.79 3.41
CA LEU A 384 -4.94 16.33 2.19
C LEU A 384 -5.74 17.54 1.71
N ARG A 385 -5.08 18.42 0.95
CA ARG A 385 -5.74 19.39 0.08
C ARG A 385 -5.46 19.02 -1.38
N SER A 386 -6.50 19.11 -2.21
CA SER A 386 -6.32 18.93 -3.64
C SER A 386 -5.69 20.18 -4.25
N VAL A 387 -5.43 20.13 -5.56
CA VAL A 387 -4.92 21.28 -6.32
C VAL A 387 -5.87 21.51 -7.48
N PRO A 388 -6.18 22.76 -7.84
CA PRO A 388 -7.04 22.98 -9.02
C PRO A 388 -6.41 22.45 -10.30
N ILE A 389 -7.27 22.01 -11.20
CA ILE A 389 -6.87 21.62 -12.56
C ILE A 389 -7.39 22.71 -13.49
N GLU A 390 -6.47 23.47 -14.07
CA GLU A 390 -6.86 24.61 -14.92
C GLU A 390 -6.84 24.21 -16.38
#